data_2YFW
#
_entry.id   2YFW
#
_cell.length_a   169.479
_cell.length_b   169.479
_cell.length_c   81.215
_cell.angle_alpha   90.00
_cell.angle_beta   90.00
_cell.angle_gamma   120.00
#
_symmetry.space_group_name_H-M   'H 3'
#
loop_
_entity.id
_entity.type
_entity.pdbx_description
1 polymer 'HISTONE H3-LIKE CENTROMERIC PROTEIN CSE4'
2 polymer 'HISTONE H4'
3 water water
#
loop_
_entity_poly.entity_id
_entity_poly.type
_entity_poly.pdbx_seq_one_letter_code
_entity_poly.pdbx_strand_id
1 'polypeptide(L)'
;ALAEIRKYQRSTDLLISRMPFARLVKEVTDQFTTESEPLRWQSMAIMALQEASEAYLVGLLEHTNLLALHAKRITIMRKD
MQLARRIRGQFI
;
A,C,E,G
2 'polypeptide(L)'
;MSGRGKGGKGLGKGGAKRHRKILRDNIQGITKPAIRRLARRGGVKRISGLIYEEVRNVLKTFLESVIRDAVTYTEHAKRK
TVTSLDVVYALKRQGRTLYGFGG
;
B,D,F,H
#
# COMPACT_ATOMS: atom_id res chain seq x y z
N ASP A 13 -21.51 -14.31 -12.23
CA ASP A 13 -22.80 -13.57 -12.34
C ASP A 13 -22.88 -12.40 -11.35
N LEU A 14 -22.89 -11.18 -11.87
CA LEU A 14 -23.03 -10.00 -11.04
C LEU A 14 -24.41 -9.87 -10.45
N LEU A 15 -24.49 -9.65 -9.14
CA LEU A 15 -25.80 -9.59 -8.49
C LEU A 15 -26.41 -8.18 -8.40
N ILE A 16 -25.59 -7.15 -8.65
CA ILE A 16 -26.07 -5.77 -8.71
C ILE A 16 -26.31 -5.41 -10.17
N SER A 17 -27.43 -4.75 -10.41
CA SER A 17 -27.86 -4.39 -11.76
C SER A 17 -26.95 -3.30 -12.34
N ARG A 18 -26.49 -3.52 -13.57
CA ARG A 18 -25.39 -2.73 -14.15
C ARG A 18 -25.68 -1.25 -14.27
N MET A 19 -26.91 -0.91 -14.69
CA MET A 19 -27.28 0.47 -14.93
C MET A 19 -27.24 1.33 -13.66
N PRO A 20 -27.96 0.93 -12.61
CA PRO A 20 -27.90 1.70 -11.36
C PRO A 20 -26.50 1.80 -10.76
N PHE A 21 -25.70 0.74 -10.92
CA PHE A 21 -24.31 0.78 -10.49
C PHE A 21 -23.54 1.83 -11.29
N ALA A 22 -23.60 1.75 -12.60
CA ALA A 22 -22.93 2.72 -13.44
C ALA A 22 -23.32 4.18 -13.11
N ARG A 23 -24.60 4.40 -12.75
CA ARG A 23 -25.10 5.73 -12.40
C ARG A 23 -24.23 6.31 -11.28
N LEU A 24 -24.22 5.57 -10.16
CA LEU A 24 -23.49 5.90 -8.95
C LEU A 24 -22.01 6.11 -9.22
N VAL A 25 -21.43 5.34 -10.11
CA VAL A 25 -20.05 5.54 -10.46
C VAL A 25 -19.84 6.92 -11.08
N LYS A 26 -20.66 7.28 -12.07
CA LYS A 26 -20.54 8.58 -12.78
C LYS A 26 -20.75 9.81 -11.88
N GLU A 27 -21.77 9.74 -11.02
CA GLU A 27 -22.01 10.80 -10.03
C GLU A 27 -20.73 11.02 -9.20
N VAL A 28 -20.19 9.94 -8.63
CA VAL A 28 -19.08 10.03 -7.71
C VAL A 28 -17.85 10.53 -8.46
N THR A 29 -17.70 10.05 -9.68
CA THR A 29 -16.51 10.43 -10.42
C THR A 29 -16.57 11.89 -10.82
N ASP A 30 -17.78 12.41 -11.04
CA ASP A 30 -17.98 13.86 -11.25
C ASP A 30 -17.68 14.68 -9.99
N GLN A 31 -17.95 14.11 -8.82
CA GLN A 31 -17.70 14.82 -7.57
C GLN A 31 -16.21 14.99 -7.34
N PHE A 32 -15.41 13.96 -7.65
CA PHE A 32 -13.95 14.04 -7.50
C PHE A 32 -13.17 14.57 -8.70
N THR A 33 -13.81 14.67 -9.87
CA THR A 33 -13.15 15.27 -11.05
C THR A 33 -12.77 16.72 -10.79
N THR A 34 -11.52 17.03 -11.05
CA THR A 34 -10.92 18.34 -10.81
C THR A 34 -10.91 19.29 -12.03
N GLU A 35 -10.43 18.80 -13.18
CA GLU A 35 -10.38 19.56 -14.43
C GLU A 35 -11.73 19.54 -15.13
N GLU A 37 -13.86 19.46 -18.45
CA GLU A 37 -13.68 18.27 -19.27
C GLU A 37 -14.00 17.01 -18.45
N PRO A 38 -15.27 16.56 -18.47
CA PRO A 38 -15.75 15.46 -17.61
C PRO A 38 -15.16 14.13 -18.03
N LEU A 39 -14.99 13.22 -17.06
CA LEU A 39 -14.26 11.98 -17.30
C LEU A 39 -15.14 10.86 -17.77
N ARG A 40 -14.63 10.05 -18.69
CA ARG A 40 -15.34 8.85 -19.14
C ARG A 40 -14.70 7.57 -18.63
N TRP A 41 -15.53 6.58 -18.40
CA TRP A 41 -15.06 5.29 -17.95
C TRP A 41 -14.98 4.33 -19.11
N GLN A 42 -13.91 3.54 -19.11
CA GLN A 42 -13.76 2.42 -20.03
C GLN A 42 -14.66 1.30 -19.53
N SER A 43 -15.43 0.65 -20.40
CA SER A 43 -16.45 -0.27 -19.89
C SER A 43 -15.85 -1.47 -19.15
N MET A 44 -14.64 -1.86 -19.53
CA MET A 44 -13.91 -2.88 -18.80
C MET A 44 -13.50 -2.40 -17.40
N ALA A 45 -13.26 -1.10 -17.26
CA ALA A 45 -12.96 -0.50 -15.96
C ALA A 45 -14.20 -0.49 -15.04
N ILE A 46 -15.35 -0.06 -15.55
CA ILE A 46 -16.59 -0.16 -14.80
C ILE A 46 -16.75 -1.56 -14.26
N MET A 47 -16.68 -2.56 -15.15
CA MET A 47 -16.96 -3.95 -14.79
C MET A 47 -16.02 -4.48 -13.73
N ALA A 48 -14.76 -4.08 -13.78
CA ALA A 48 -13.78 -4.47 -12.80
C ALA A 48 -14.14 -3.97 -11.42
N LEU A 49 -14.57 -2.70 -11.34
CA LEU A 49 -14.93 -2.06 -10.08
C LEU A 49 -16.11 -2.75 -9.48
N GLN A 50 -17.16 -2.89 -10.27
CA GLN A 50 -18.34 -3.60 -9.81
C GLN A 50 -17.98 -5.01 -9.35
N GLU A 51 -17.12 -5.66 -10.10
CA GLU A 51 -16.68 -7.00 -9.73
C GLU A 51 -15.98 -6.97 -8.35
N ALA A 52 -15.12 -5.99 -8.12
CA ALA A 52 -14.47 -5.82 -6.84
C ALA A 52 -15.41 -5.33 -5.73
N SER A 53 -16.37 -4.47 -6.09
CA SER A 53 -17.35 -3.93 -5.14
C SER A 53 -18.19 -5.04 -4.54
N GLU A 54 -18.73 -5.89 -5.40
CA GLU A 54 -19.47 -7.06 -4.93
C GLU A 54 -18.69 -8.03 -4.10
N ALA A 55 -17.42 -8.28 -4.43
CA ALA A 55 -16.62 -9.24 -3.68
C ALA A 55 -16.31 -8.66 -2.32
N TYR A 56 -16.14 -7.35 -2.26
CA TYR A 56 -15.97 -6.67 -1.00
C TYR A 56 -17.20 -6.80 -0.10
N LEU A 57 -18.40 -6.64 -0.66
CA LEU A 57 -19.60 -6.72 0.12
C LEU A 57 -19.86 -8.15 0.62
N VAL A 58 -19.69 -9.13 -0.25
CA VAL A 58 -19.87 -10.53 0.16
C VAL A 58 -18.92 -10.87 1.32
N GLY A 59 -17.64 -10.48 1.20
CA GLY A 59 -16.64 -10.74 2.25
C GLY A 59 -17.05 -10.13 3.57
N LEU A 60 -17.54 -8.90 3.47
CA LEU A 60 -17.97 -8.13 4.62
C LEU A 60 -19.24 -8.71 5.21
N LEU A 61 -20.12 -9.20 4.33
CA LEU A 61 -21.33 -9.89 4.75
C LEU A 61 -21.00 -11.19 5.49
N GLU A 62 -19.95 -11.89 5.07
CA GLU A 62 -19.52 -13.14 5.74
C GLU A 62 -18.95 -12.84 7.12
N HIS A 63 -18.17 -11.76 7.24
CA HIS A 63 -17.63 -11.43 8.54
C HIS A 63 -18.74 -11.04 9.51
N THR A 64 -19.64 -10.18 9.04
CA THR A 64 -20.84 -9.79 9.74
C THR A 64 -21.60 -11.00 10.28
N ASN A 65 -21.74 -12.03 9.45
CA ASN A 65 -22.39 -13.27 9.86
C ASN A 65 -21.60 -14.01 10.97
N LEU A 66 -20.27 -13.99 10.85
CA LEU A 66 -19.42 -14.53 11.92
C LEU A 66 -19.66 -13.87 13.28
N LEU A 67 -19.84 -12.55 13.30
CA LEU A 67 -20.09 -11.86 14.57
C LEU A 67 -21.51 -12.11 15.06
N ALA A 68 -22.43 -12.39 14.15
CA ALA A 68 -23.76 -12.70 14.60
C ALA A 68 -23.77 -14.08 15.27
N LEU A 69 -23.07 -15.05 14.69
CA LEU A 69 -23.02 -16.39 15.28
C LEU A 69 -22.31 -16.38 16.63
N HIS A 70 -21.28 -15.57 16.75
CA HIS A 70 -20.55 -15.37 17.99
C HIS A 70 -21.43 -14.85 19.11
N ALA A 71 -22.43 -14.05 18.74
CA ALA A 71 -23.42 -13.61 19.67
C ALA A 71 -24.64 -14.56 19.69
N LYS A 72 -24.51 -15.74 19.10
CA LYS A 72 -25.60 -16.75 19.08
C LYS A 72 -26.88 -16.31 18.35
N ARG A 73 -26.71 -15.53 17.28
CA ARG A 73 -27.82 -15.08 16.48
C ARG A 73 -27.63 -15.56 15.07
N ILE A 74 -28.75 -15.79 14.36
CA ILE A 74 -28.69 -16.05 12.93
C ILE A 74 -29.10 -14.80 12.13
N THR A 75 -29.66 -13.79 12.81
CA THR A 75 -30.06 -12.55 12.19
C THR A 75 -28.89 -11.57 12.20
N ILE A 76 -28.38 -11.17 11.04
CA ILE A 76 -27.32 -10.16 11.03
C ILE A 76 -27.88 -8.79 11.35
N MET A 77 -27.08 -8.00 12.01
CA MET A 77 -27.57 -6.73 12.49
C MET A 77 -26.63 -5.60 12.21
N ARG A 78 -27.18 -4.39 12.17
CA ARG A 78 -26.40 -3.19 12.04
C ARG A 78 -25.15 -3.27 12.89
N LYS A 79 -25.30 -3.57 14.18
CA LYS A 79 -24.16 -3.55 15.09
C LYS A 79 -23.09 -4.62 14.78
N ASP A 80 -23.47 -5.71 14.12
CA ASP A 80 -22.50 -6.71 13.68
C ASP A 80 -21.66 -6.15 12.53
N MET A 81 -22.31 -5.54 11.56
CA MET A 81 -21.58 -4.96 10.46
C MET A 81 -20.61 -3.88 10.95
N GLN A 82 -21.04 -3.07 11.91
CA GLN A 82 -20.19 -1.99 12.40
C GLN A 82 -18.97 -2.47 13.16
N LEU A 83 -19.14 -3.52 13.96
CA LEU A 83 -18.01 -4.05 14.65
C LEU A 83 -17.08 -4.77 13.68
N ALA A 84 -17.64 -5.27 12.58
CA ALA A 84 -16.81 -5.94 11.62
C ALA A 84 -15.93 -4.91 10.94
N ARG A 85 -16.53 -3.77 10.58
CA ARG A 85 -15.81 -2.71 9.89
C ARG A 85 -14.72 -2.17 10.80
N ARG A 86 -15.07 -2.00 12.07
CA ARG A 86 -14.18 -1.37 13.03
C ARG A 86 -12.95 -2.23 13.25
N ILE A 87 -13.15 -3.54 13.36
CA ILE A 87 -12.04 -4.49 13.56
C ILE A 87 -11.13 -4.58 12.31
N ARG A 88 -11.74 -4.53 11.14
CA ARG A 88 -10.99 -4.61 9.89
C ARG A 88 -10.04 -3.45 9.74
N GLY A 89 -10.52 -2.24 9.99
CA GLY A 89 -9.68 -1.06 9.82
C GLY A 89 -9.72 -0.45 8.43
N GLN A 90 -9.97 -1.30 7.42
CA GLN A 90 -10.30 -0.88 6.05
C GLN A 90 -11.41 0.17 6.08
N PHE A 91 -11.14 1.33 5.46
CA PHE A 91 -12.09 2.44 5.33
C PHE A 91 -12.54 3.02 6.65
N ILE B 30 -28.86 0.89 -5.31
CA ILE B 30 -28.78 -0.54 -4.92
C ILE B 30 -30.03 -1.04 -4.19
N THR B 31 -30.78 -1.77 -4.98
CA THR B 31 -31.91 -2.55 -4.60
C THR B 31 -31.66 -3.36 -3.33
N LYS B 32 -32.72 -3.56 -2.55
CA LYS B 32 -32.67 -4.45 -1.39
C LYS B 32 -32.63 -5.93 -1.82
N PRO B 33 -33.38 -6.32 -2.87
CA PRO B 33 -33.23 -7.70 -3.39
C PRO B 33 -31.77 -8.06 -3.73
N ALA B 34 -31.02 -7.08 -4.24
CA ALA B 34 -29.63 -7.33 -4.60
C ALA B 34 -28.77 -7.54 -3.36
N ILE B 35 -29.00 -6.73 -2.33
CA ILE B 35 -28.33 -6.92 -1.04
C ILE B 35 -28.64 -8.31 -0.43
N ARG B 36 -29.88 -8.77 -0.64
CA ARG B 36 -30.36 -10.05 -0.16
C ARG B 36 -29.60 -11.21 -0.85
N ARG B 37 -29.48 -11.13 -2.18
CA ARG B 37 -28.72 -12.15 -2.91
C ARG B 37 -27.29 -12.15 -2.42
N LEU B 38 -26.79 -10.94 -2.16
CA LEU B 38 -25.41 -10.71 -1.76
C LEU B 38 -25.17 -11.39 -0.43
N ALA B 39 -26.01 -11.05 0.55
CA ALA B 39 -26.02 -11.70 1.83
C ALA B 39 -26.04 -13.24 1.74
N ARG B 40 -26.80 -13.81 0.81
CA ARG B 40 -26.91 -15.26 0.77
C ARG B 40 -25.62 -15.91 0.29
N ARG B 41 -25.03 -15.32 -0.74
CA ARG B 41 -23.72 -15.74 -1.20
C ARG B 41 -22.80 -15.72 0.03
N GLY B 42 -22.98 -14.72 0.89
CA GLY B 42 -22.21 -14.61 2.11
C GLY B 42 -22.62 -15.57 3.20
N GLY B 43 -23.69 -16.32 3.00
CA GLY B 43 -24.08 -17.38 3.95
C GLY B 43 -25.08 -16.94 5.02
N VAL B 44 -25.62 -15.72 4.87
CA VAL B 44 -26.47 -15.12 5.86
C VAL B 44 -27.89 -15.72 5.81
N LYS B 45 -28.44 -16.01 6.97
CA LYS B 45 -29.72 -16.67 7.06
C LYS B 45 -30.87 -15.71 7.25
N ARG B 46 -30.66 -14.60 7.96
CA ARG B 46 -31.76 -13.72 8.30
C ARG B 46 -31.21 -12.32 8.39
N ILE B 47 -31.99 -11.32 7.97
CA ILE B 47 -31.45 -9.97 7.83
C ILE B 47 -32.35 -8.96 8.51
N SER B 48 -31.79 -8.23 9.46
CA SER B 48 -32.46 -7.10 10.09
C SER B 48 -32.73 -6.05 9.06
N GLY B 49 -33.88 -5.38 9.15
CA GLY B 49 -34.24 -4.31 8.20
C GLY B 49 -33.25 -3.14 8.22
N LEU B 50 -32.51 -3.00 9.32
CA LEU B 50 -31.56 -1.91 9.45
C LEU B 50 -30.27 -2.11 8.64
N ILE B 51 -30.04 -3.33 8.16
CA ILE B 51 -28.81 -3.69 7.47
C ILE B 51 -28.71 -3.05 6.11
N TYR B 52 -29.84 -2.90 5.44
CA TYR B 52 -29.88 -2.36 4.08
C TYR B 52 -29.30 -0.97 3.95
N GLU B 53 -29.77 -0.04 4.78
CA GLU B 53 -29.22 1.29 4.74
C GLU B 53 -27.73 1.21 5.04
N GLU B 54 -27.36 0.41 6.04
CA GLU B 54 -25.94 0.16 6.35
C GLU B 54 -25.08 -0.33 5.15
N VAL B 55 -25.59 -1.26 4.34
CA VAL B 55 -24.82 -1.73 3.19
C VAL B 55 -24.64 -0.61 2.16
N ARG B 56 -25.66 0.23 1.98
CA ARG B 56 -25.55 1.38 1.09
C ARG B 56 -24.49 2.36 1.54
N ASN B 57 -24.42 2.59 2.84
CA ASN B 57 -23.38 3.45 3.40
C ASN B 57 -22.00 2.90 3.14
N VAL B 58 -21.90 1.58 3.22
CA VAL B 58 -20.65 0.90 3.02
C VAL B 58 -20.27 0.92 1.53
N LEU B 59 -21.22 0.58 0.66
CA LEU B 59 -20.90 0.56 -0.76
C LEU B 59 -20.49 1.95 -1.24
N LYS B 60 -21.20 2.97 -0.76
CA LYS B 60 -20.91 4.37 -1.13
C LYS B 60 -19.51 4.83 -0.64
N THR B 61 -19.22 4.59 0.64
CA THR B 61 -17.87 4.80 1.18
C THR B 61 -16.72 4.10 0.42
N PHE B 62 -16.91 2.85 0.05
CA PHE B 62 -15.97 2.11 -0.75
C PHE B 62 -15.81 2.77 -2.13
N LEU B 63 -16.91 3.00 -2.82
CA LEU B 63 -16.85 3.70 -4.10
C LEU B 63 -16.23 5.09 -4.02
N GLU B 64 -16.46 5.79 -2.93
CA GLU B 64 -15.79 7.08 -2.76
C GLU B 64 -14.29 6.91 -2.69
N SER B 65 -13.78 6.03 -1.83
CA SER B 65 -12.31 5.94 -1.70
C SER B 65 -11.62 5.43 -2.99
N VAL B 66 -12.16 4.37 -3.58
CA VAL B 66 -11.59 3.83 -4.79
C VAL B 66 -11.69 4.88 -5.92
N ILE B 67 -12.84 5.52 -6.06
CA ILE B 67 -12.96 6.42 -7.20
C ILE B 67 -12.10 7.68 -7.06
N ARG B 68 -11.93 8.15 -5.84
CA ARG B 68 -11.08 9.30 -5.58
C ARG B 68 -9.69 9.03 -6.08
N ASP B 69 -9.15 7.86 -5.71
CA ASP B 69 -7.83 7.48 -6.13
C ASP B 69 -7.71 7.22 -7.63
N ALA B 70 -8.66 6.51 -8.22
CA ALA B 70 -8.69 6.32 -9.68
C ALA B 70 -8.62 7.64 -10.44
N VAL B 71 -9.56 8.52 -10.11
CA VAL B 71 -9.68 9.83 -10.77
C VAL B 71 -8.42 10.69 -10.58
N THR B 72 -7.91 10.70 -9.37
CA THR B 72 -6.75 11.51 -9.06
C THR B 72 -5.57 11.11 -9.95
N TYR B 73 -5.37 9.79 -10.10
CA TYR B 73 -4.31 9.28 -10.96
C TYR B 73 -4.54 9.62 -12.45
N THR B 74 -5.71 9.28 -12.97
CA THR B 74 -6.08 9.65 -14.33
C THR B 74 -5.73 11.11 -14.71
N GLU B 75 -6.12 12.07 -13.87
CA GLU B 75 -5.89 13.49 -14.14
C GLU B 75 -4.42 13.81 -14.09
N HIS B 76 -3.71 13.14 -13.19
CA HIS B 76 -2.28 13.32 -13.11
C HIS B 76 -1.57 12.75 -14.36
N ALA B 77 -2.09 11.66 -14.93
CA ALA B 77 -1.56 11.17 -16.20
C ALA B 77 -2.07 11.99 -17.37
N LYS B 78 -2.78 13.07 -17.09
CA LYS B 78 -3.33 13.95 -18.13
C LYS B 78 -4.24 13.19 -19.08
N ARG B 79 -4.65 12.00 -18.68
CA ARG B 79 -5.56 11.22 -19.51
C ARG B 79 -6.96 11.70 -19.26
N LYS B 80 -7.87 11.27 -20.12
CA LYS B 80 -9.21 11.80 -20.15
C LYS B 80 -10.22 10.67 -19.95
N THR B 81 -9.71 9.46 -19.73
CA THR B 81 -10.55 8.28 -19.54
C THR B 81 -9.99 7.40 -18.45
N VAL B 82 -10.88 6.90 -17.57
CA VAL B 82 -10.47 6.01 -16.48
C VAL B 82 -10.32 4.56 -16.96
N THR B 83 -9.13 4.01 -16.80
CA THR B 83 -8.82 2.65 -17.27
C THR B 83 -8.87 1.63 -16.15
N SER B 84 -8.92 0.36 -16.54
CA SER B 84 -8.87 -0.72 -15.58
C SER B 84 -7.61 -0.71 -14.72
N LEU B 85 -6.50 -0.30 -15.32
CA LEU B 85 -5.26 -0.09 -14.57
C LEU B 85 -5.40 0.95 -13.43
N ASP B 86 -6.09 2.07 -13.70
CA ASP B 86 -6.40 3.05 -12.64
C ASP B 86 -7.24 2.44 -11.53
N VAL B 87 -8.24 1.66 -11.91
CA VAL B 87 -9.07 1.05 -10.89
C VAL B 87 -8.21 0.15 -10.05
N VAL B 88 -7.45 -0.71 -10.73
CA VAL B 88 -6.63 -1.73 -10.06
C VAL B 88 -5.61 -1.04 -9.15
N TYR B 89 -5.10 0.06 -9.61
CA TYR B 89 -4.21 0.84 -8.79
C TYR B 89 -4.95 1.41 -7.55
N ALA B 90 -6.14 1.97 -7.74
CA ALA B 90 -6.91 2.48 -6.59
C ALA B 90 -7.33 1.35 -5.64
N LEU B 91 -7.73 0.20 -6.18
CA LEU B 91 -8.01 -0.98 -5.36
C LEU B 91 -6.79 -1.31 -4.51
N LYS B 92 -5.63 -1.39 -5.16
CA LYS B 92 -4.40 -1.77 -4.49
C LYS B 92 -4.26 -0.92 -3.28
N ARG B 93 -4.30 0.38 -3.47
CA ARG B 93 -3.94 1.34 -2.44
C ARG B 93 -4.98 1.44 -1.33
N GLN B 94 -6.23 1.12 -1.64
CA GLN B 94 -7.28 1.19 -0.63
C GLN B 94 -7.31 0.03 0.34
N GLY B 95 -7.14 -1.18 -0.15
CA GLY B 95 -7.11 -2.36 0.73
C GLY B 95 -5.73 -2.88 1.07
N THR C 12 6.78 7.96 26.69
CA THR C 12 7.01 6.51 26.42
C THR C 12 7.04 5.71 27.73
N ASP C 13 5.95 5.00 28.01
CA ASP C 13 5.87 4.13 29.19
C ASP C 13 5.47 2.69 28.78
N LEU C 14 6.34 1.75 29.14
CA LEU C 14 6.26 0.39 28.65
C LEU C 14 5.81 -0.54 29.74
N LEU C 15 5.15 -1.61 29.34
CA LEU C 15 4.48 -2.49 30.28
C LEU C 15 5.21 -3.82 30.41
N ILE C 16 6.24 -4.01 29.61
CA ILE C 16 7.13 -5.15 29.78
C ILE C 16 8.49 -4.61 30.26
N SER C 17 9.16 -5.36 31.13
CA SER C 17 10.49 -4.97 31.57
C SER C 17 11.47 -5.13 30.41
N ARG C 18 12.45 -4.22 30.36
CA ARG C 18 13.36 -4.13 29.22
C ARG C 18 14.33 -5.30 29.09
N MET C 19 14.79 -5.84 30.20
CA MET C 19 15.76 -6.95 30.15
C MET C 19 15.20 -8.18 29.39
N PRO C 20 14.01 -8.67 29.79
CA PRO C 20 13.43 -9.84 29.12
C PRO C 20 13.06 -9.61 27.66
N PHE C 21 12.74 -8.37 27.30
CA PHE C 21 12.38 -8.11 25.92
C PHE C 21 13.61 -7.99 25.02
N ALA C 22 14.66 -7.35 25.54
CA ALA C 22 15.96 -7.27 24.87
C ALA C 22 16.58 -8.65 24.74
N ARG C 23 16.35 -9.50 25.74
CA ARG C 23 16.83 -10.86 25.74
C ARG C 23 16.15 -11.66 24.62
N LEU C 24 14.86 -11.43 24.41
CA LEU C 24 14.11 -12.14 23.38
C LEU C 24 14.40 -11.64 21.96
N VAL C 25 15.03 -10.47 21.84
CA VAL C 25 15.35 -9.91 20.55
C VAL C 25 16.68 -10.47 20.09
N LYS C 26 17.68 -10.44 20.98
CA LYS C 26 18.95 -11.13 20.77
C LYS C 26 18.75 -12.60 20.44
N GLU C 27 17.97 -13.30 21.27
CA GLU C 27 17.65 -14.72 21.05
C GLU C 27 17.27 -15.02 19.59
N VAL C 28 16.24 -14.33 19.09
CA VAL C 28 15.76 -14.53 17.73
C VAL C 28 16.83 -14.15 16.70
N THR C 29 17.48 -13.01 16.95
CA THR C 29 18.49 -12.48 16.06
C THR C 29 19.65 -13.47 15.90
N ASP C 30 19.92 -14.24 16.96
CA ASP C 30 21.07 -15.16 17.05
C ASP C 30 21.06 -16.30 16.03
N GLN C 31 19.91 -16.54 15.40
CA GLN C 31 19.77 -17.54 14.33
C GLN C 31 20.98 -17.64 13.39
N LEU C 39 24.52 -9.83 14.20
CA LEU C 39 24.36 -8.38 14.09
C LEU C 39 24.06 -7.73 15.45
N ARG C 40 24.44 -6.45 15.56
CA ARG C 40 24.12 -5.64 16.74
C ARG C 40 22.84 -4.78 16.58
N TRP C 41 22.31 -4.30 17.71
CA TRP C 41 21.14 -3.44 17.74
C TRP C 41 21.45 -2.11 18.40
N GLN C 42 21.10 -1.02 17.73
CA GLN C 42 21.00 0.27 18.39
C GLN C 42 19.97 0.12 19.49
N SER C 43 20.23 0.69 20.66
CA SER C 43 19.31 0.57 21.79
C SER C 43 17.99 1.31 21.56
N MET C 44 18.04 2.35 20.75
CA MET C 44 16.86 3.11 20.37
C MET C 44 15.94 2.24 19.51
N ALA C 45 16.57 1.37 18.71
CA ALA C 45 15.87 0.44 17.83
C ALA C 45 15.10 -0.66 18.58
N ILE C 46 15.62 -1.10 19.73
CA ILE C 46 14.96 -2.07 20.59
C ILE C 46 13.72 -1.40 21.17
N MET C 47 13.91 -0.19 21.66
CA MET C 47 12.86 0.66 22.16
C MET C 47 11.68 0.76 21.20
N ALA C 48 11.97 1.12 19.95
CA ALA C 48 10.94 1.30 18.93
C ALA C 48 10.18 -0.01 18.73
N LEU C 49 10.92 -1.11 18.61
CA LEU C 49 10.32 -2.43 18.46
C LEU C 49 9.42 -2.74 19.66
N GLN C 50 9.93 -2.55 20.89
CA GLN C 50 9.15 -2.85 22.09
C GLN C 50 7.85 -2.06 22.12
N GLU C 51 7.94 -0.75 21.90
CA GLU C 51 6.74 0.07 21.83
C GLU C 51 5.77 -0.41 20.73
N ALA C 52 6.28 -0.63 19.52
CA ALA C 52 5.43 -1.11 18.42
C ALA C 52 4.80 -2.46 18.75
N SER C 53 5.56 -3.35 19.40
CA SER C 53 5.11 -4.67 19.83
C SER C 53 4.02 -4.56 20.86
N GLU C 54 4.20 -3.64 21.82
CA GLU C 54 3.18 -3.47 22.85
C GLU C 54 1.91 -2.87 22.26
N ALA C 55 2.04 -1.97 21.29
CA ALA C 55 0.86 -1.32 20.71
C ALA C 55 0.07 -2.32 19.88
N TYR C 56 0.80 -3.24 19.28
CA TYR C 56 0.19 -4.26 18.49
C TYR C 56 -0.56 -5.26 19.34
N LEU C 57 0.01 -5.67 20.47
CA LEU C 57 -0.69 -6.55 21.39
C LEU C 57 -1.85 -5.83 22.06
N VAL C 58 -1.67 -4.55 22.39
CA VAL C 58 -2.79 -3.79 22.96
C VAL C 58 -3.97 -3.72 21.98
N GLY C 59 -3.69 -3.36 20.74
CA GLY C 59 -4.69 -3.28 19.70
C GLY C 59 -5.46 -4.57 19.46
N LEU C 60 -4.77 -5.71 19.51
CA LEU C 60 -5.41 -7.02 19.37
C LEU C 60 -6.27 -7.36 20.60
N LEU C 61 -5.75 -7.00 21.77
CA LEU C 61 -6.48 -7.21 23.01
C LEU C 61 -7.76 -6.38 23.00
N GLU C 62 -7.68 -5.12 22.59
CA GLU C 62 -8.88 -4.27 22.47
C GLU C 62 -9.94 -4.90 21.55
N HIS C 63 -9.52 -5.37 20.38
CA HIS C 63 -10.47 -6.03 19.47
C HIS C 63 -11.09 -7.27 20.12
N THR C 64 -10.31 -8.03 20.88
CA THR C 64 -10.78 -9.29 21.44
C THR C 64 -11.81 -9.00 22.50
N ASN C 65 -11.61 -7.88 23.19
CA ASN C 65 -12.49 -7.45 24.26
C ASN C 65 -13.84 -7.02 23.68
N LEU C 66 -13.76 -6.30 22.57
CA LEU C 66 -14.94 -5.93 21.77
C LEU C 66 -15.85 -7.10 21.42
N LEU C 67 -15.28 -8.24 21.04
CA LEU C 67 -16.04 -9.45 20.69
C LEU C 67 -16.58 -10.19 21.91
N ALA C 68 -15.85 -10.09 23.03
CA ALA C 68 -16.31 -10.58 24.30
C ALA C 68 -17.51 -9.74 24.75
N LEU C 69 -17.38 -8.41 24.74
CA LEU C 69 -18.53 -7.58 25.06
C LEU C 69 -19.71 -7.83 24.13
N HIS C 70 -19.43 -8.14 22.86
CA HIS C 70 -20.47 -8.44 21.87
C HIS C 70 -21.27 -9.65 22.29
N ALA C 71 -20.58 -10.61 22.89
CA ALA C 71 -21.20 -11.85 23.32
C ALA C 71 -21.69 -11.73 24.77
N LYS C 72 -21.79 -10.49 25.26
CA LYS C 72 -22.27 -10.24 26.62
C LYS C 72 -21.38 -10.80 27.74
N ARG C 73 -20.11 -11.05 27.45
CA ARG C 73 -19.19 -11.46 28.51
C ARG C 73 -18.19 -10.34 28.75
N ILE C 74 -17.58 -10.30 29.93
CA ILE C 74 -16.47 -9.35 30.22
C ILE C 74 -15.12 -10.05 30.29
N THR C 75 -15.17 -11.37 30.16
CA THR C 75 -13.99 -12.18 30.24
C THR C 75 -13.58 -12.54 28.83
N ILE C 76 -12.41 -12.08 28.39
CA ILE C 76 -11.96 -12.49 27.06
C ILE C 76 -11.53 -13.94 27.04
N MET C 77 -11.81 -14.61 25.93
CA MET C 77 -11.56 -16.05 25.78
C MET C 77 -10.80 -16.34 24.53
N ARG C 78 -10.22 -17.53 24.49
CA ARG C 78 -9.48 -18.01 23.32
C ARG C 78 -10.24 -17.82 22.03
N LYS C 79 -11.54 -18.11 22.06
CA LYS C 79 -12.40 -17.96 20.89
C LYS C 79 -12.56 -16.49 20.45
N ASP C 80 -12.60 -15.59 21.42
CA ASP C 80 -12.71 -14.16 21.14
C ASP C 80 -11.46 -13.74 20.37
N MET C 81 -10.32 -14.24 20.81
CA MET C 81 -9.06 -13.88 20.15
C MET C 81 -8.95 -14.48 18.77
N GLN C 82 -9.33 -15.74 18.63
CA GLN C 82 -9.27 -16.41 17.34
C GLN C 82 -10.12 -15.72 16.30
N LEU C 83 -11.34 -15.38 16.68
CA LEU C 83 -12.23 -14.65 15.80
C LEU C 83 -11.70 -13.26 15.45
N ALA C 84 -11.08 -12.59 16.42
CA ALA C 84 -10.45 -11.30 16.14
C ALA C 84 -9.38 -11.49 15.08
N ARG C 85 -8.64 -12.58 15.11
CA ARG C 85 -7.60 -12.74 14.09
C ARG C 85 -8.14 -13.00 12.69
N ARG C 86 -9.29 -13.69 12.63
CA ARG C 86 -9.92 -14.00 11.36
C ARG C 86 -10.48 -12.74 10.72
N ILE C 87 -11.13 -11.91 11.51
CA ILE C 87 -11.67 -10.67 10.94
C ILE C 87 -10.56 -9.67 10.57
N ARG C 88 -9.47 -9.64 11.32
CA ARG C 88 -8.27 -8.84 10.94
C ARG C 88 -7.55 -9.24 9.64
N GLY C 89 -7.42 -10.56 9.41
CA GLY C 89 -6.55 -11.08 8.35
C GLY C 89 -7.19 -12.25 7.64
N ASP D 25 12.60 -21.42 23.94
CA ASP D 25 11.39 -21.03 24.74
C ASP D 25 11.73 -20.06 25.87
N ASN D 26 12.14 -18.85 25.46
CA ASN D 26 12.37 -17.72 26.37
C ASN D 26 11.37 -16.59 26.07
N ILE D 27 10.40 -16.90 25.20
CA ILE D 27 9.18 -16.12 25.08
C ILE D 27 8.26 -16.53 26.23
N GLN D 28 8.70 -17.54 26.97
CA GLN D 28 8.11 -17.89 28.25
C GLN D 28 8.69 -16.92 29.29
N GLY D 29 9.69 -16.16 28.89
CA GLY D 29 10.23 -15.05 29.67
C GLY D 29 9.36 -13.79 29.63
N ILE D 30 8.32 -13.79 28.78
CA ILE D 30 7.28 -12.73 28.78
C ILE D 30 6.21 -13.07 29.82
N THR D 31 6.07 -12.17 30.79
CA THR D 31 5.39 -12.45 32.06
C THR D 31 3.86 -12.42 31.99
N LYS D 32 3.24 -13.20 32.88
CA LYS D 32 1.79 -13.28 33.02
C LYS D 32 1.23 -11.95 33.55
N PRO D 33 1.86 -11.37 34.60
CA PRO D 33 1.55 -10.00 35.01
C PRO D 33 1.67 -8.93 33.92
N ALA D 34 2.65 -9.08 33.03
CA ALA D 34 2.88 -8.13 31.96
C ALA D 34 1.76 -8.19 30.91
N ILE D 35 1.33 -9.40 30.58
CA ILE D 35 0.20 -9.62 29.69
C ILE D 35 -1.08 -8.99 30.26
N ARG D 36 -1.27 -9.08 31.58
CA ARG D 36 -2.39 -8.44 32.27
C ARG D 36 -2.41 -6.91 32.11
N ARG D 37 -1.23 -6.30 32.20
CA ARG D 37 -1.07 -4.85 32.01
C ARG D 37 -1.34 -4.40 30.59
N LEU D 38 -0.88 -5.19 29.62
CA LEU D 38 -1.23 -4.96 28.23
C LEU D 38 -2.74 -5.01 28.07
N ALA D 39 -3.35 -6.06 28.61
CA ALA D 39 -4.79 -6.25 28.52
C ALA D 39 -5.57 -5.13 29.18
N ARG D 40 -5.09 -4.65 30.32
CA ARG D 40 -5.75 -3.53 30.99
C ARG D 40 -5.76 -2.33 30.05
N ARG D 41 -4.56 -1.93 29.62
CA ARG D 41 -4.37 -0.86 28.66
C ARG D 41 -5.40 -0.91 27.53
N GLY D 42 -5.79 -2.12 27.10
CA GLY D 42 -6.81 -2.31 26.07
C GLY D 42 -8.24 -2.41 26.61
N GLY D 43 -8.44 -2.14 27.89
CA GLY D 43 -9.78 -2.08 28.46
C GLY D 43 -10.37 -3.37 29.01
N VAL D 44 -9.57 -4.44 29.05
CA VAL D 44 -10.02 -5.75 29.52
C VAL D 44 -10.12 -5.82 31.04
N LYS D 45 -11.19 -6.42 31.55
CA LYS D 45 -11.36 -6.59 32.99
C LYS D 45 -10.99 -7.99 33.46
N ARG D 46 -11.41 -9.03 32.74
CA ARG D 46 -11.07 -10.41 33.11
C ARG D 46 -10.53 -11.23 31.94
N ILE D 47 -9.50 -12.00 32.24
CA ILE D 47 -8.80 -12.80 31.27
C ILE D 47 -8.98 -14.27 31.62
N SER D 48 -9.22 -15.13 30.64
CA SER D 48 -9.23 -16.56 30.92
C SER D 48 -7.80 -17.10 30.79
N GLY D 49 -7.51 -18.19 31.51
CA GLY D 49 -6.17 -18.80 31.56
C GLY D 49 -5.60 -19.11 30.19
N LEU D 50 -6.42 -19.67 29.31
CA LEU D 50 -6.02 -20.00 27.96
C LEU D 50 -5.46 -18.86 27.09
N ILE D 51 -5.74 -17.61 27.48
CA ILE D 51 -5.35 -16.42 26.70
C ILE D 51 -3.82 -16.16 26.75
N TYR D 52 -3.20 -16.42 27.89
CA TYR D 52 -1.77 -16.18 28.10
C TYR D 52 -0.87 -16.89 27.09
N GLU D 53 -1.11 -18.17 26.85
CA GLU D 53 -0.33 -18.91 25.86
C GLU D 53 -0.55 -18.36 24.47
N GLU D 54 -1.81 -18.04 24.18
CA GLU D 54 -2.18 -17.47 22.89
C GLU D 54 -1.52 -16.12 22.67
N VAL D 55 -1.53 -15.26 23.69
CA VAL D 55 -0.84 -13.97 23.59
C VAL D 55 0.65 -14.19 23.31
N ARG D 56 1.27 -15.17 23.96
CA ARG D 56 2.68 -15.48 23.70
C ARG D 56 2.94 -15.95 22.26
N ASN D 57 2.17 -16.95 21.78
CA ASN D 57 2.27 -17.42 20.40
C ASN D 57 2.23 -16.22 19.43
N VAL D 58 1.26 -15.34 19.62
CA VAL D 58 1.12 -14.16 18.79
C VAL D 58 2.38 -13.29 18.89
N LEU D 59 2.89 -13.08 20.10
CA LEU D 59 4.10 -12.27 20.23
C LEU D 59 5.28 -12.88 19.45
N LYS D 60 5.54 -14.18 19.65
CA LYS D 60 6.60 -14.89 18.91
C LYS D 60 6.47 -14.77 17.40
N THR D 61 5.35 -15.21 16.84
CA THR D 61 5.13 -15.08 15.39
C THR D 61 5.38 -13.65 14.92
N PHE D 62 4.74 -12.68 15.58
CA PHE D 62 4.95 -11.28 15.26
C PHE D 62 6.43 -10.95 15.20
N LEU D 63 7.18 -11.26 16.23
CA LEU D 63 8.52 -10.73 16.24
C LEU D 63 9.65 -11.62 15.66
N GLU D 64 9.30 -12.81 15.22
CA GLU D 64 10.13 -13.54 14.27
C GLU D 64 10.04 -12.91 12.87
N SER D 65 8.84 -12.51 12.44
CA SER D 65 8.70 -11.79 11.15
C SER D 65 9.48 -10.49 11.15
N VAL D 66 9.08 -9.57 12.04
CA VAL D 66 9.65 -8.24 12.06
C VAL D 66 11.17 -8.25 12.16
N ILE D 67 11.74 -9.11 13.00
CA ILE D 67 13.19 -9.14 13.17
C ILE D 67 13.89 -9.69 11.93
N ARG D 68 13.41 -10.84 11.45
CA ARG D 68 13.88 -11.42 10.21
C ARG D 68 13.98 -10.36 9.13
N ASP D 69 12.91 -9.60 8.93
CA ASP D 69 12.93 -8.55 7.92
C ASP D 69 13.86 -7.38 8.28
N ALA D 70 13.88 -6.97 9.54
CA ALA D 70 14.75 -5.87 9.96
C ALA D 70 16.22 -6.18 9.66
N VAL D 71 16.63 -7.40 10.00
CA VAL D 71 17.97 -7.91 9.72
C VAL D 71 18.28 -7.84 8.22
N THR D 72 17.36 -8.35 7.40
CA THR D 72 17.45 -8.24 5.96
C THR D 72 17.87 -6.81 5.55
N TYR D 73 17.08 -5.81 5.94
CA TYR D 73 17.40 -4.42 5.58
C TYR D 73 18.77 -3.94 6.06
N THR D 74 19.28 -4.52 7.14
CA THR D 74 20.59 -4.09 7.66
C THR D 74 21.72 -4.73 6.85
N GLU D 75 21.49 -5.95 6.38
CA GLU D 75 22.47 -6.70 5.57
C GLU D 75 22.54 -6.16 4.16
N HIS D 76 21.40 -5.77 3.61
CA HIS D 76 21.33 -5.19 2.27
C HIS D 76 22.06 -3.83 2.22
N ALA D 77 21.70 -2.92 3.13
CA ALA D 77 22.43 -1.64 3.28
C ALA D 77 23.91 -1.86 3.66
N LYS D 78 24.30 -3.13 3.79
CA LYS D 78 25.68 -3.56 4.09
C LYS D 78 26.17 -3.16 5.49
N ARG D 79 25.24 -2.74 6.35
CA ARG D 79 25.57 -2.31 7.72
C ARG D 79 25.66 -3.48 8.71
N LYS D 80 26.00 -3.16 9.96
CA LYS D 80 26.24 -4.17 11.00
C LYS D 80 25.47 -3.88 12.28
N THR D 81 24.68 -2.80 12.25
CA THR D 81 23.89 -2.37 13.41
C THR D 81 22.46 -2.07 12.99
N VAL D 82 21.50 -2.70 13.66
CA VAL D 82 20.09 -2.45 13.37
C VAL D 82 19.70 -1.09 13.96
N THR D 83 19.14 -0.24 13.11
CA THR D 83 18.75 1.11 13.47
C THR D 83 17.23 1.15 13.50
N SER D 84 16.68 2.21 14.10
CA SER D 84 15.22 2.36 14.18
C SER D 84 14.51 2.48 12.82
N LEU D 85 15.24 2.98 11.81
CA LEU D 85 14.73 3.03 10.44
C LEU D 85 14.62 1.62 9.82
N ASP D 86 15.52 0.72 10.20
CA ASP D 86 15.38 -0.69 9.84
C ASP D 86 14.11 -1.27 10.48
N VAL D 87 13.75 -0.76 11.67
CA VAL D 87 12.57 -1.24 12.38
C VAL D 87 11.27 -0.78 11.70
N VAL D 88 11.17 0.53 11.47
CA VAL D 88 10.07 1.12 10.72
C VAL D 88 9.88 0.45 9.34
N TYR D 89 10.96 0.20 8.62
CA TYR D 89 10.87 -0.52 7.35
C TYR D 89 10.32 -1.95 7.48
N ALA D 90 10.77 -2.67 8.50
CA ALA D 90 10.33 -4.05 8.71
C ALA D 90 8.90 -4.12 9.19
N LEU D 91 8.47 -3.18 10.04
CA LEU D 91 7.07 -3.07 10.46
C LEU D 91 6.15 -2.79 9.27
N LYS D 92 6.65 -1.95 8.37
CA LYS D 92 5.95 -1.56 7.17
C LYS D 92 5.76 -2.76 6.21
N ARG D 93 6.72 -3.68 6.19
CA ARG D 93 6.65 -4.82 5.27
C ARG D 93 5.58 -5.88 5.60
N GLN D 94 5.25 -6.05 6.88
CA GLN D 94 4.41 -7.18 7.36
C GLN D 94 3.09 -7.50 6.63
N GLY D 95 2.92 -8.80 6.33
CA GLY D 95 1.69 -9.38 5.80
C GLY D 95 1.13 -8.70 4.57
N ALA E 1 32.99 19.15 -0.60
CA ALA E 1 31.86 18.61 -1.43
C ALA E 1 31.89 17.08 -1.48
N LEU E 2 32.95 16.56 -2.10
CA LEU E 2 33.20 15.13 -2.19
C LEU E 2 33.30 14.48 -0.80
N ALA E 3 33.98 15.16 0.12
CA ALA E 3 34.17 14.67 1.48
C ALA E 3 32.90 14.79 2.32
N GLU E 4 32.21 15.92 2.19
CA GLU E 4 30.94 16.14 2.88
C GLU E 4 29.95 15.01 2.60
N ILE E 5 29.92 14.55 1.34
CA ILE E 5 29.10 13.39 0.93
C ILE E 5 29.49 12.11 1.67
N ARG E 6 30.78 11.80 1.71
CA ARG E 6 31.29 10.61 2.43
C ARG E 6 30.90 10.59 3.92
N LYS E 7 31.09 11.71 4.60
CA LYS E 7 30.73 11.86 6.03
C LYS E 7 29.27 11.55 6.27
N TYR E 8 28.38 12.13 5.46
CA TYR E 8 26.95 11.96 5.73
C TYR E 8 26.37 10.67 5.14
N GLN E 9 27.07 10.04 4.20
CA GLN E 9 26.65 8.73 3.69
C GLN E 9 27.03 7.60 4.66
N ARG E 10 28.10 7.80 5.42
CA ARG E 10 28.58 6.82 6.40
C ARG E 10 27.94 7.07 7.77
N SER E 11 26.69 7.55 7.76
CA SER E 11 26.00 7.99 8.97
C SER E 11 24.51 7.81 8.79
N THR E 12 23.82 7.59 9.92
CA THR E 12 22.39 7.29 9.90
C THR E 12 21.61 7.94 11.05
N ASP E 13 22.05 9.11 11.52
CA ASP E 13 21.28 9.92 12.48
C ASP E 13 20.47 11.06 11.84
N LEU E 14 19.57 11.63 12.65
CA LEU E 14 18.62 12.67 12.22
C LEU E 14 19.30 14.00 11.94
N LEU E 15 19.11 14.49 10.72
CA LEU E 15 19.83 15.68 10.26
C LEU E 15 18.98 16.93 10.39
N ILE E 16 17.68 16.75 10.56
CA ILE E 16 16.79 17.84 10.94
C ILE E 16 16.78 17.89 12.46
N SER E 17 16.75 19.09 13.03
CA SER E 17 16.67 19.25 14.47
C SER E 17 15.33 18.75 14.99
N ARG E 18 15.39 17.93 16.05
CA ARG E 18 14.21 17.30 16.62
C ARG E 18 13.15 18.33 17.05
N MET E 19 13.61 19.44 17.65
CA MET E 19 12.71 20.52 18.07
C MET E 19 11.86 21.13 16.92
N PRO E 20 12.51 21.81 15.95
CA PRO E 20 11.80 22.44 14.83
C PRO E 20 10.97 21.48 13.98
N PHE E 21 11.34 20.20 13.98
CA PHE E 21 10.55 19.19 13.30
C PHE E 21 9.28 18.89 14.10
N ALA E 22 9.39 18.85 15.42
CA ALA E 22 8.24 18.61 16.28
C ALA E 22 7.18 19.69 16.08
N ARG E 23 7.62 20.96 16.07
CA ARG E 23 6.72 22.09 15.85
C ARG E 23 5.90 21.89 14.57
N LEU E 24 6.61 21.61 13.49
CA LEU E 24 5.99 21.35 12.21
C LEU E 24 4.94 20.24 12.30
N VAL E 25 5.29 19.14 12.96
CA VAL E 25 4.39 18.00 13.05
C VAL E 25 3.09 18.40 13.74
N LYS E 26 3.20 19.25 14.76
CA LYS E 26 2.03 19.82 15.42
C LYS E 26 1.19 20.69 14.48
N GLU E 27 1.81 21.63 13.77
CA GLU E 27 1.04 22.50 12.92
C GLU E 27 0.19 21.71 11.92
N VAL E 28 0.81 20.72 11.27
CA VAL E 28 0.10 19.88 10.31
C VAL E 28 -0.95 18.97 10.98
N THR E 29 -0.65 18.36 12.12
CA THR E 29 -1.68 17.55 12.76
C THR E 29 -2.92 18.40 13.09
N ASP E 30 -2.68 19.64 13.54
CA ASP E 30 -3.74 20.59 13.87
C ASP E 30 -4.56 21.08 12.66
N GLN E 31 -4.25 20.58 11.48
CA GLN E 31 -5.04 20.92 10.29
C GLN E 31 -6.10 19.86 10.03
N PHE E 32 -5.99 18.72 10.71
CA PHE E 32 -6.94 17.62 10.55
C PHE E 32 -7.65 17.28 11.85
N THR E 33 -7.83 18.28 12.71
CA THR E 33 -8.41 18.06 14.03
C THR E 33 -9.36 19.20 14.46
N PRO E 38 -8.61 16.96 19.97
CA PRO E 38 -7.43 17.65 20.51
C PRO E 38 -6.22 16.72 20.61
N LEU E 39 -5.79 16.20 19.45
CA LEU E 39 -4.74 15.17 19.35
C LEU E 39 -3.37 15.50 19.99
N ARG E 40 -2.64 14.43 20.36
CA ARG E 40 -1.25 14.53 20.86
C ARG E 40 -0.36 13.40 20.26
N TRP E 41 0.95 13.48 20.46
CA TRP E 41 1.89 12.52 19.84
C TRP E 41 2.79 11.79 20.85
N GLN E 42 2.85 10.45 20.75
CA GLN E 42 3.87 9.68 21.47
C GLN E 42 5.22 10.05 20.90
N SER E 43 6.16 10.40 21.77
CA SER E 43 7.49 10.87 21.36
C SER E 43 8.18 9.90 20.40
N MET E 44 8.00 8.60 20.66
CA MET E 44 8.59 7.55 19.82
C MET E 44 8.03 7.54 18.40
N ALA E 45 6.78 7.95 18.26
CA ALA E 45 6.08 8.03 16.99
C ALA E 45 6.55 9.22 16.16
N ILE E 46 6.88 10.34 16.83
CA ILE E 46 7.47 11.47 16.13
C ILE E 46 8.82 11.06 15.57
N MET E 47 9.56 10.23 16.32
CA MET E 47 10.88 9.82 15.87
C MET E 47 10.77 8.97 14.62
N ALA E 48 9.91 7.96 14.66
CA ALA E 48 9.67 7.13 13.50
C ALA E 48 9.28 8.00 12.31
N LEU E 49 8.42 9.00 12.55
CA LEU E 49 7.96 9.93 11.52
C LEU E 49 9.13 10.73 10.95
N GLN E 50 9.95 11.32 11.83
CA GLN E 50 11.08 12.07 11.36
C GLN E 50 12.03 11.16 10.59
N GLU E 51 12.26 9.96 11.12
CA GLU E 51 13.15 9.01 10.49
C GLU E 51 12.68 8.54 9.11
N ALA E 52 11.39 8.23 8.96
CA ALA E 52 10.90 7.89 7.62
C ALA E 52 11.00 9.07 6.66
N SER E 53 10.74 10.27 7.19
CA SER E 53 10.69 11.49 6.41
C SER E 53 12.02 11.80 5.78
N GLU E 54 13.07 11.79 6.59
CA GLU E 54 14.43 11.96 6.12
C GLU E 54 14.87 10.93 5.07
N ALA E 55 14.54 9.66 5.29
CA ALA E 55 14.90 8.64 4.31
C ALA E 55 14.12 8.81 3.00
N TYR E 56 12.89 9.31 3.11
CA TYR E 56 12.10 9.67 1.94
C TYR E 56 12.76 10.79 1.10
N LEU E 57 13.23 11.84 1.77
CA LEU E 57 13.89 12.97 1.12
C LEU E 57 15.24 12.58 0.56
N VAL E 58 16.05 11.89 1.36
CA VAL E 58 17.33 11.39 0.88
C VAL E 58 17.13 10.67 -0.45
N GLY E 59 16.18 9.74 -0.50
CA GLY E 59 15.87 8.98 -1.69
C GLY E 59 15.44 9.81 -2.89
N LEU E 60 14.55 10.78 -2.65
CA LEU E 60 14.11 11.65 -3.74
C LEU E 60 15.29 12.50 -4.27
N LEU E 61 16.11 12.98 -3.35
CA LEU E 61 17.36 13.68 -3.70
C LEU E 61 18.29 12.79 -4.52
N GLU E 62 18.31 11.49 -4.20
CA GLU E 62 19.07 10.51 -4.98
C GLU E 62 18.52 10.44 -6.40
N HIS E 63 17.23 10.17 -6.57
CA HIS E 63 16.64 10.17 -7.91
C HIS E 63 16.84 11.46 -8.68
N THR E 64 16.60 12.59 -8.03
CA THR E 64 16.87 13.90 -8.62
C THR E 64 18.27 13.95 -9.17
N ASN E 65 19.24 13.53 -8.36
CA ASN E 65 20.62 13.43 -8.82
C ASN E 65 20.80 12.67 -10.13
N LEU E 66 20.15 11.53 -10.25
CA LEU E 66 20.16 10.75 -11.47
C LEU E 66 19.59 11.53 -12.65
N LEU E 67 18.52 12.29 -12.45
CA LEU E 67 17.97 13.07 -13.56
C LEU E 67 18.90 14.18 -14.05
N ALA E 68 19.70 14.73 -13.14
CA ALA E 68 20.68 15.75 -13.47
C ALA E 68 21.80 15.13 -14.29
N LEU E 69 22.41 14.06 -13.76
CA LEU E 69 23.39 13.25 -14.50
C LEU E 69 22.92 12.90 -15.92
N HIS E 70 21.65 12.55 -16.04
CA HIS E 70 21.04 12.19 -17.31
C HIS E 70 21.04 13.39 -18.28
N ALA E 71 20.83 14.59 -17.74
CA ALA E 71 20.89 15.83 -18.51
C ALA E 71 22.34 16.35 -18.62
N LYS E 72 23.28 15.60 -18.02
CA LYS E 72 24.71 15.93 -18.03
C LYS E 72 25.09 17.13 -17.13
N ARG E 73 24.51 17.15 -15.94
CA ARG E 73 24.81 18.18 -14.96
C ARG E 73 25.15 17.50 -13.64
N ILE E 74 25.97 18.17 -12.84
CA ILE E 74 26.23 17.74 -11.46
C ILE E 74 25.41 18.60 -10.47
N THR E 75 24.72 19.60 -11.04
CA THR E 75 23.88 20.53 -10.28
C THR E 75 22.43 20.10 -10.35
N ILE E 76 21.87 19.70 -9.21
CA ILE E 76 20.45 19.35 -9.17
C ILE E 76 19.61 20.63 -9.23
N MET E 77 18.49 20.53 -9.94
CA MET E 77 17.60 21.65 -10.20
C MET E 77 16.15 21.29 -9.95
N ARG E 78 15.33 22.34 -9.85
CA ARG E 78 13.91 22.25 -9.62
C ARG E 78 13.24 21.35 -10.65
N LYS E 79 13.69 21.45 -11.90
CA LYS E 79 13.12 20.66 -12.98
C LYS E 79 13.42 19.16 -12.83
N ASP E 80 14.55 18.84 -12.21
CA ASP E 80 14.96 17.45 -11.94
C ASP E 80 14.06 16.85 -10.87
N MET E 81 13.81 17.62 -9.81
CA MET E 81 13.00 17.15 -8.73
C MET E 81 11.55 17.04 -9.20
N GLN E 82 11.08 18.05 -9.94
CA GLN E 82 9.74 18.05 -10.49
C GLN E 82 9.52 16.81 -11.33
N LEU E 83 10.51 16.47 -12.14
CA LEU E 83 10.40 15.30 -13.01
C LEU E 83 10.39 14.03 -12.18
N ALA E 84 11.25 13.98 -11.17
CA ALA E 84 11.34 12.82 -10.31
C ALA E 84 10.00 12.53 -9.65
N ARG E 85 9.32 13.60 -9.22
CA ARG E 85 8.07 13.46 -8.50
C ARG E 85 7.00 12.96 -9.44
N ARG E 86 6.87 13.62 -10.58
CA ARG E 86 5.94 13.19 -11.62
C ARG E 86 6.09 11.72 -12.01
N ILE E 87 7.31 11.27 -12.28
CA ILE E 87 7.47 9.87 -12.64
C ILE E 87 7.02 8.96 -11.51
N ARG E 88 7.28 9.38 -10.26
CA ARG E 88 6.91 8.62 -9.06
C ARG E 88 5.40 8.50 -8.86
N GLY E 89 4.70 9.60 -9.09
CA GLY E 89 3.25 9.71 -9.02
C GLY E 89 2.63 9.43 -7.66
N GLN E 90 3.38 9.68 -6.60
CA GLN E 90 2.98 9.29 -5.25
C GLN E 90 2.12 10.33 -4.50
N PHE E 91 2.54 11.59 -4.52
CA PHE E 91 1.78 12.60 -3.80
C PHE E 91 1.28 13.61 -4.81
N ILE E 92 -0.01 13.52 -5.13
CA ILE E 92 -0.64 14.37 -6.13
C ILE E 92 -1.68 15.28 -5.46
N ARG F 24 1.87 29.54 11.98
CA ARG F 24 2.03 29.61 10.49
C ARG F 24 3.49 29.73 10.03
N ASP F 25 3.81 29.02 8.93
CA ASP F 25 5.16 28.99 8.31
C ASP F 25 6.25 28.41 9.22
N ASN F 26 5.89 27.32 9.90
CA ASN F 26 6.83 26.51 10.67
C ASN F 26 7.77 25.70 9.78
N ILE F 27 7.33 25.45 8.53
CA ILE F 27 8.15 24.80 7.50
C ILE F 27 9.46 25.55 7.27
N GLN F 28 9.43 26.85 7.54
CA GLN F 28 10.60 27.71 7.39
C GLN F 28 11.65 27.45 8.48
N GLY F 29 11.31 26.56 9.41
CA GLY F 29 12.26 26.08 10.42
C GLY F 29 13.14 24.96 9.88
N ILE F 30 12.71 24.32 8.80
CA ILE F 30 13.52 23.28 8.15
C ILE F 30 14.62 23.98 7.38
N THR F 31 15.82 23.90 7.95
CA THR F 31 16.88 24.83 7.65
C THR F 31 17.72 24.51 6.38
N LYS F 32 18.30 25.58 5.83
CA LYS F 32 19.14 25.52 4.64
C LYS F 32 20.29 24.51 4.81
N PRO F 33 21.07 24.59 5.91
CA PRO F 33 22.13 23.61 6.09
C PRO F 33 21.62 22.17 6.28
N ALA F 34 20.46 21.99 6.88
CA ALA F 34 19.96 20.64 7.10
C ALA F 34 19.53 19.99 5.79
N ILE F 35 18.96 20.78 4.90
CA ILE F 35 18.58 20.27 3.58
C ILE F 35 19.82 19.81 2.80
N ARG F 36 20.91 20.58 2.87
CA ARG F 36 22.09 20.19 2.10
C ARG F 36 22.81 18.95 2.68
N ARG F 37 22.78 18.81 4.00
CA ARG F 37 23.18 17.56 4.65
C ARG F 37 22.43 16.34 4.09
N LEU F 38 21.10 16.48 3.97
CA LEU F 38 20.24 15.50 3.31
C LEU F 38 20.70 15.22 1.89
N ALA F 39 20.98 16.27 1.14
CA ALA F 39 21.35 16.10 -0.26
C ALA F 39 22.72 15.42 -0.37
N ARG F 40 23.66 15.83 0.48
CA ARG F 40 24.95 15.14 0.60
C ARG F 40 24.80 13.64 0.90
N ARG F 41 23.92 13.29 1.85
CA ARG F 41 23.60 11.87 2.11
C ARG F 41 23.10 11.19 0.84
N GLY F 42 22.52 11.97 -0.07
CA GLY F 42 22.04 11.46 -1.35
C GLY F 42 23.07 11.53 -2.46
N GLY F 43 24.29 11.94 -2.12
CA GLY F 43 25.39 11.91 -3.10
C GLY F 43 25.35 13.06 -4.10
N VAL F 44 24.67 14.13 -3.73
CA VAL F 44 24.56 15.32 -4.55
C VAL F 44 25.84 16.13 -4.42
N LYS F 45 26.39 16.58 -5.56
CA LYS F 45 27.61 17.40 -5.55
C LYS F 45 27.32 18.90 -5.57
N ARG F 46 26.25 19.31 -6.25
CA ARG F 46 25.93 20.73 -6.33
C ARG F 46 24.42 20.93 -6.28
N ILE F 47 23.99 21.92 -5.52
CA ILE F 47 22.58 22.18 -5.27
C ILE F 47 22.17 23.57 -5.71
N SER F 48 21.35 23.64 -6.75
CA SER F 48 20.82 24.93 -7.16
C SER F 48 20.05 25.60 -6.03
N GLY F 49 20.16 26.92 -5.96
CA GLY F 49 19.49 27.69 -4.93
C GLY F 49 17.98 27.46 -4.79
N LEU F 50 17.34 27.04 -5.87
CA LEU F 50 15.88 26.93 -5.93
C LEU F 50 15.36 25.65 -5.26
N ILE F 51 16.25 24.67 -5.10
CA ILE F 51 15.92 23.36 -4.53
C ILE F 51 15.44 23.46 -3.10
N TYR F 52 15.92 24.45 -2.36
CA TYR F 52 15.58 24.57 -0.95
C TYR F 52 14.08 24.71 -0.69
N GLU F 53 13.42 25.60 -1.43
CA GLU F 53 11.97 25.78 -1.31
C GLU F 53 11.21 24.57 -1.80
N GLU F 54 11.76 23.91 -2.81
CA GLU F 54 11.17 22.73 -3.39
C GLU F 54 11.17 21.58 -2.38
N VAL F 55 12.29 21.37 -1.69
CA VAL F 55 12.37 20.31 -0.68
C VAL F 55 11.34 20.58 0.42
N ARG F 56 11.15 21.84 0.79
CA ARG F 56 10.19 22.15 1.84
C ARG F 56 8.75 21.84 1.41
N ASN F 57 8.42 22.14 0.15
CA ASN F 57 7.11 21.78 -0.38
C ASN F 57 6.93 20.27 -0.49
N VAL F 58 7.98 19.57 -0.90
CA VAL F 58 7.99 18.12 -0.86
C VAL F 58 7.72 17.63 0.57
N LEU F 59 8.51 18.11 1.53
CA LEU F 59 8.38 17.65 2.91
C LEU F 59 7.00 17.89 3.48
N LYS F 60 6.48 19.10 3.27
CA LYS F 60 5.15 19.49 3.73
C LYS F 60 4.05 18.67 3.04
N THR F 61 4.20 18.35 1.76
CA THR F 61 3.21 17.49 1.14
C THR F 61 3.24 16.10 1.76
N PHE F 62 4.45 15.58 1.93
CA PHE F 62 4.66 14.31 2.60
C PHE F 62 3.98 14.30 3.98
N LEU F 63 4.27 15.28 4.84
CA LEU F 63 3.66 15.25 6.15
C LEU F 63 2.14 15.32 6.07
N GLU F 64 1.63 16.14 5.17
CA GLU F 64 0.20 16.27 5.00
C GLU F 64 -0.50 14.96 4.72
N SER F 65 0.04 14.16 3.80
CA SER F 65 -0.55 12.87 3.44
C SER F 65 -0.43 11.85 4.54
N VAL F 66 0.72 11.81 5.22
CA VAL F 66 0.99 10.80 6.22
C VAL F 66 0.23 11.12 7.52
N ILE F 67 0.35 12.35 8.01
CA ILE F 67 -0.37 12.75 9.20
C ILE F 67 -1.89 12.64 9.05
N ARG F 68 -2.43 13.06 7.90
CA ARG F 68 -3.86 12.88 7.69
C ARG F 68 -4.20 11.44 8.03
N ASP F 69 -3.47 10.51 7.41
CA ASP F 69 -3.68 9.09 7.62
C ASP F 69 -3.44 8.69 9.08
N ALA F 70 -2.27 8.97 9.63
CA ALA F 70 -2.07 8.68 11.03
C ALA F 70 -3.32 9.06 11.86
N VAL F 71 -3.82 10.26 11.64
CA VAL F 71 -4.89 10.84 12.46
C VAL F 71 -6.18 10.05 12.28
N THR F 72 -6.46 9.68 11.05
CA THR F 72 -7.59 8.84 10.78
C THR F 72 -7.50 7.53 11.54
N TYR F 73 -6.40 6.79 11.42
CA TYR F 73 -6.23 5.52 12.18
C TYR F 73 -6.38 5.75 13.66
N THR F 74 -5.89 6.89 14.14
CA THR F 74 -5.86 7.15 15.58
C THR F 74 -7.27 7.34 16.11
N GLU F 75 -8.05 8.19 15.44
CA GLU F 75 -9.38 8.55 15.90
C GLU F 75 -10.33 7.37 15.87
N HIS F 76 -10.32 6.69 14.73
CA HIS F 76 -11.05 5.45 14.53
C HIS F 76 -10.77 4.44 15.66
N ALA F 77 -9.53 4.38 16.13
CA ALA F 77 -9.16 3.50 17.22
C ALA F 77 -9.65 4.03 18.56
N LYS F 78 -10.35 5.16 18.52
CA LYS F 78 -10.81 5.86 19.73
C LYS F 78 -9.64 6.22 20.63
N ARG F 79 -8.45 6.39 20.07
CA ARG F 79 -7.31 6.85 20.87
C ARG F 79 -7.15 8.38 20.80
N LYS F 80 -6.19 8.92 21.55
CA LYS F 80 -6.05 10.36 21.67
C LYS F 80 -4.60 10.80 21.46
N THR F 81 -3.71 9.82 21.44
CA THR F 81 -2.30 10.05 21.19
C THR F 81 -1.88 9.18 20.02
N VAL F 82 -1.14 9.76 19.06
CA VAL F 82 -0.66 9.03 17.89
C VAL F 82 0.52 8.11 18.28
N THR F 83 0.46 6.85 17.85
CA THR F 83 1.46 5.83 18.20
C THR F 83 2.26 5.38 16.95
N SER F 84 3.49 4.89 17.18
CA SER F 84 4.38 4.40 16.12
C SER F 84 3.62 3.62 15.06
N LEU F 85 2.76 2.71 15.51
CA LEU F 85 2.03 1.83 14.62
C LEU F 85 1.04 2.61 13.74
N ASP F 86 0.46 3.68 14.28
CA ASP F 86 -0.33 4.60 13.46
C ASP F 86 0.57 5.13 12.34
N VAL F 87 1.76 5.61 12.71
CA VAL F 87 2.72 6.12 11.74
C VAL F 87 3.11 5.05 10.73
N VAL F 88 3.36 3.83 11.20
CA VAL F 88 3.69 2.73 10.32
C VAL F 88 2.57 2.46 9.32
N TYR F 89 1.33 2.38 9.79
CA TYR F 89 0.23 2.09 8.87
C TYR F 89 0.06 3.21 7.86
N ALA F 90 0.30 4.44 8.28
CA ALA F 90 0.16 5.61 7.40
C ALA F 90 1.24 5.59 6.34
N LEU F 91 2.49 5.35 6.75
CA LEU F 91 3.61 5.12 5.85
C LEU F 91 3.34 4.01 4.83
N LYS F 92 2.76 2.92 5.27
CA LYS F 92 2.40 1.82 4.39
C LYS F 92 1.33 2.20 3.36
N ARG F 93 0.37 3.03 3.77
CA ARG F 93 -0.69 3.48 2.85
C ARG F 93 -0.20 4.38 1.71
N GLN F 94 0.89 5.11 1.93
CA GLN F 94 1.59 5.79 0.84
C GLN F 94 2.49 4.76 0.17
N GLY F 95 2.07 4.28 -0.99
CA GLY F 95 2.69 3.12 -1.66
C GLY F 95 4.13 2.83 -1.32
N THR G 12 -13.33 0.22 -25.59
CA THR G 12 -12.41 -0.96 -25.67
C THR G 12 -11.60 -1.01 -26.97
N ASP G 13 -10.41 -0.42 -26.99
CA ASP G 13 -9.64 -0.32 -28.25
C ASP G 13 -8.18 -0.72 -28.18
N LEU G 14 -7.92 -1.98 -28.46
CA LEU G 14 -6.61 -2.57 -28.24
C LEU G 14 -5.66 -2.32 -29.40
N LEU G 15 -4.38 -2.19 -29.06
CA LEU G 15 -3.34 -1.88 -30.04
C LEU G 15 -2.51 -3.09 -30.47
N ILE G 16 -2.50 -4.15 -29.66
CA ILE G 16 -1.90 -5.43 -30.04
C ILE G 16 -3.08 -6.31 -30.41
N SER G 17 -2.90 -7.12 -31.44
CA SER G 17 -4.01 -7.89 -31.97
C SER G 17 -4.38 -9.05 -31.03
N ARG G 18 -5.67 -9.36 -30.94
CA ARG G 18 -6.13 -10.34 -29.95
C ARG G 18 -5.44 -11.68 -30.09
N MET G 19 -5.11 -12.06 -31.31
CA MET G 19 -4.66 -13.44 -31.55
C MET G 19 -3.30 -13.81 -30.94
N PRO G 20 -2.23 -13.02 -31.23
CA PRO G 20 -0.92 -13.26 -30.60
C PRO G 20 -0.93 -13.05 -29.09
N PHE G 21 -1.60 -12.01 -28.63
CA PHE G 21 -1.65 -11.78 -27.20
C PHE G 21 -2.24 -12.97 -26.47
N ALA G 22 -3.21 -13.66 -27.08
CA ALA G 22 -3.85 -14.80 -26.42
C ALA G 22 -2.91 -16.01 -26.40
N ARG G 23 -2.22 -16.25 -27.52
CA ARG G 23 -1.20 -17.27 -27.60
C ARG G 23 -0.22 -17.16 -26.44
N LEU G 24 0.38 -15.97 -26.29
CA LEU G 24 1.32 -15.67 -25.21
C LEU G 24 0.74 -15.94 -23.83
N VAL G 25 -0.53 -15.55 -23.63
CA VAL G 25 -1.20 -15.72 -22.34
C VAL G 25 -1.33 -17.20 -21.99
N LYS G 26 -1.74 -18.05 -22.94
CA LYS G 26 -1.73 -19.51 -22.77
C LYS G 26 -0.35 -20.06 -22.40
N GLU G 27 0.66 -19.71 -23.18
CA GLU G 27 2.00 -20.21 -22.95
C GLU G 27 2.41 -20.00 -21.50
N VAL G 28 2.28 -18.77 -21.01
CA VAL G 28 2.64 -18.45 -19.64
C VAL G 28 1.75 -19.24 -18.64
N THR G 29 0.43 -19.17 -18.82
CA THR G 29 -0.47 -19.87 -17.90
C THR G 29 -0.22 -21.39 -17.88
N ASP G 30 0.12 -21.96 -19.04
CA ASP G 30 0.46 -23.38 -19.10
C ASP G 30 1.64 -23.76 -18.19
N GLN G 31 2.62 -22.86 -18.07
CA GLN G 31 3.78 -23.08 -17.23
C GLN G 31 3.56 -22.92 -15.73
N PHE G 32 2.73 -21.96 -15.33
CA PHE G 32 2.50 -21.66 -13.90
C PHE G 32 1.31 -22.37 -13.25
N THR G 33 0.34 -22.84 -14.04
CA THR G 33 -0.78 -23.56 -13.45
C THR G 33 -0.42 -24.92 -12.85
N THR G 34 -1.23 -25.34 -11.90
CA THR G 34 -1.03 -26.54 -11.14
C THR G 34 -1.78 -27.70 -11.81
N GLU G 35 -2.63 -27.36 -12.79
CA GLU G 35 -3.48 -28.33 -13.45
C GLU G 35 -2.80 -28.94 -14.67
N SER G 36 -3.24 -30.14 -15.07
CA SER G 36 -2.67 -30.82 -16.25
C SER G 36 -3.37 -30.48 -17.55
N GLU G 37 -4.71 -30.51 -17.54
CA GLU G 37 -5.48 -30.07 -18.68
C GLU G 37 -5.29 -28.57 -18.79
N PRO G 38 -5.20 -28.07 -20.03
CA PRO G 38 -5.08 -26.63 -20.24
C PRO G 38 -6.19 -25.78 -19.61
N LEU G 39 -5.77 -24.75 -18.89
CA LEU G 39 -6.71 -23.89 -18.17
C LEU G 39 -7.37 -22.93 -19.17
N ARG G 40 -8.69 -22.84 -19.11
CA ARG G 40 -9.42 -21.89 -19.96
C ARG G 40 -9.52 -20.51 -19.30
N TRP G 41 -9.70 -19.48 -20.12
CA TRP G 41 -9.93 -18.12 -19.66
C TRP G 41 -11.24 -17.63 -20.24
N GLN G 42 -12.08 -17.01 -19.40
CA GLN G 42 -13.25 -16.29 -19.90
C GLN G 42 -12.72 -15.26 -20.88
N SER G 43 -13.46 -14.99 -21.94
CA SER G 43 -12.99 -14.02 -22.91
C SER G 43 -12.92 -12.61 -22.32
N MET G 44 -13.71 -12.35 -21.29
CA MET G 44 -13.71 -11.04 -20.65
C MET G 44 -12.44 -10.87 -19.85
N ALA G 45 -11.92 -11.97 -19.32
CA ALA G 45 -10.73 -11.94 -18.48
C ALA G 45 -9.45 -11.60 -19.27
N ILE G 46 -9.31 -12.17 -20.47
CA ILE G 46 -8.16 -11.93 -21.33
C ILE G 46 -8.18 -10.54 -21.92
N MET G 47 -9.37 -9.99 -22.08
CA MET G 47 -9.44 -8.63 -22.60
C MET G 47 -9.11 -7.61 -21.51
N ALA G 48 -9.65 -7.84 -20.31
CA ALA G 48 -9.24 -7.13 -19.10
C ALA G 48 -7.71 -7.15 -18.97
N LEU G 49 -7.11 -8.33 -19.08
CA LEU G 49 -5.67 -8.45 -18.91
C LEU G 49 -4.93 -7.65 -19.96
N GLN G 50 -5.42 -7.71 -21.20
CA GLN G 50 -4.73 -7.08 -22.30
C GLN G 50 -4.79 -5.56 -22.20
N GLU G 51 -5.98 -5.05 -21.91
CA GLU G 51 -6.16 -3.61 -21.71
C GLU G 51 -5.18 -3.11 -20.63
N ALA G 52 -5.09 -3.87 -19.53
CA ALA G 52 -4.21 -3.54 -18.40
C ALA G 52 -2.74 -3.58 -18.77
N SER G 53 -2.37 -4.60 -19.55
CA SER G 53 -0.98 -4.80 -19.97
C SER G 53 -0.58 -3.70 -20.92
N GLU G 54 -1.51 -3.27 -21.77
CA GLU G 54 -1.24 -2.23 -22.75
C GLU G 54 -1.13 -0.87 -22.07
N ALA G 55 -2.09 -0.60 -21.20
CA ALA G 55 -2.06 0.61 -20.38
C ALA G 55 -0.75 0.66 -19.63
N TYR G 56 -0.30 -0.48 -19.12
CA TYR G 56 0.98 -0.56 -18.39
C TYR G 56 2.20 -0.20 -19.22
N LEU G 57 2.30 -0.72 -20.44
CA LEU G 57 3.41 -0.39 -21.30
C LEU G 57 3.34 1.05 -21.81
N VAL G 58 2.13 1.60 -21.97
CA VAL G 58 1.98 2.99 -22.34
C VAL G 58 2.46 3.93 -21.21
N GLY G 59 2.03 3.67 -19.98
CA GLY G 59 2.56 4.37 -18.82
C GLY G 59 4.07 4.38 -18.83
N LEU G 60 4.69 3.21 -19.06
CA LEU G 60 6.14 3.11 -19.04
C LEU G 60 6.77 3.83 -20.24
N LEU G 61 6.11 3.73 -21.39
CA LEU G 61 6.64 4.33 -22.61
C LEU G 61 6.69 5.84 -22.49
N GLU G 62 5.69 6.40 -21.81
CA GLU G 62 5.55 7.84 -21.62
C GLU G 62 6.48 8.41 -20.55
N HIS G 63 6.73 7.65 -19.47
CA HIS G 63 7.83 8.01 -18.55
C HIS G 63 9.19 8.00 -19.27
N THR G 64 9.43 6.96 -20.08
CA THR G 64 10.65 6.84 -20.86
C THR G 64 10.79 8.07 -21.77
N ASN G 65 9.71 8.40 -22.46
CA ASN G 65 9.66 9.59 -23.30
C ASN G 65 10.07 10.82 -22.51
N LEU G 66 9.48 11.02 -21.34
CA LEU G 66 9.82 12.19 -20.50
C LEU G 66 11.31 12.27 -20.21
N LEU G 67 11.98 11.13 -20.07
CA LEU G 67 13.41 11.13 -19.77
C LEU G 67 14.28 11.41 -21.00
N ALA G 68 13.74 11.18 -22.19
CA ALA G 68 14.42 11.59 -23.41
C ALA G 68 14.40 13.12 -23.56
N LEU G 69 13.19 13.69 -23.53
CA LEU G 69 13.01 15.13 -23.50
C LEU G 69 13.90 15.83 -22.46
N HIS G 70 13.97 15.26 -21.25
CA HIS G 70 14.84 15.81 -20.20
C HIS G 70 16.29 15.96 -20.67
N ALA G 71 16.70 15.05 -21.57
CA ALA G 71 18.05 15.01 -22.10
C ALA G 71 18.12 15.58 -23.53
N LYS G 72 17.06 16.29 -23.95
CA LYS G 72 17.03 16.97 -25.26
C LYS G 72 17.09 16.03 -26.46
N ARG G 73 16.55 14.82 -26.29
CA ARG G 73 16.39 13.92 -27.40
C ARG G 73 14.91 13.72 -27.64
N ILE G 74 14.54 13.31 -28.85
CA ILE G 74 13.15 12.94 -29.16
C ILE G 74 13.08 11.44 -29.38
N THR G 75 14.24 10.82 -29.46
CA THR G 75 14.35 9.39 -29.62
C THR G 75 14.55 8.73 -28.26
N ILE G 76 13.62 7.84 -27.90
CA ILE G 76 13.74 7.06 -26.68
C ILE G 76 14.84 6.03 -26.84
N MET G 77 15.62 5.85 -25.77
CA MET G 77 16.74 4.92 -25.75
C MET G 77 16.63 3.94 -24.59
N ARG G 78 17.23 2.77 -24.77
CA ARG G 78 17.25 1.75 -23.75
C ARG G 78 17.54 2.34 -22.37
N LYS G 79 18.54 3.22 -22.29
CA LYS G 79 18.95 3.80 -21.02
C LYS G 79 17.86 4.64 -20.38
N ASP G 80 17.02 5.27 -21.20
CA ASP G 80 15.88 6.03 -20.71
C ASP G 80 14.87 5.10 -20.04
N MET G 81 14.53 4.02 -20.74
CA MET G 81 13.60 3.06 -20.21
C MET G 81 14.16 2.44 -18.96
N GLN G 82 15.47 2.29 -18.89
CA GLN G 82 16.07 1.73 -17.69
C GLN G 82 16.05 2.73 -16.56
N LEU G 83 16.33 4.00 -16.84
CA LEU G 83 16.21 5.00 -15.79
C LEU G 83 14.74 5.17 -15.33
N ALA G 84 13.80 5.09 -16.26
CA ALA G 84 12.36 5.10 -15.91
C ALA G 84 11.98 4.01 -14.90
N ARG G 85 12.52 2.82 -15.10
CA ARG G 85 12.22 1.71 -14.21
C ARG G 85 12.87 1.88 -12.84
N ARG G 86 13.98 2.60 -12.78
CA ARG G 86 14.66 2.90 -11.51
C ARG G 86 13.83 3.87 -10.66
N ILE G 87 13.37 4.95 -11.29
CA ILE G 87 12.64 6.00 -10.58
C ILE G 87 11.21 5.56 -10.19
N ARG G 88 10.62 4.67 -10.97
CA ARG G 88 9.26 4.17 -10.65
C ARG G 88 9.30 3.30 -9.43
N GLY G 89 10.43 2.67 -9.18
CA GLY G 89 10.60 1.87 -7.98
C GLY G 89 10.96 0.44 -8.30
N ARG H 24 6.15 -21.75 -27.14
CA ARG H 24 7.63 -21.61 -27.25
C ARG H 24 8.10 -20.17 -26.99
N ASP H 25 8.25 -19.39 -28.07
CA ASP H 25 8.69 -17.99 -27.96
C ASP H 25 7.67 -17.05 -28.56
N ASN H 26 6.45 -17.16 -28.03
CA ASN H 26 5.31 -16.34 -28.40
C ASN H 26 5.50 -14.87 -28.08
N ILE H 27 6.47 -14.56 -27.22
CA ILE H 27 6.89 -13.17 -27.01
C ILE H 27 7.44 -12.52 -28.29
N GLN H 28 7.96 -13.34 -29.20
CA GLN H 28 8.37 -12.88 -30.55
C GLN H 28 7.16 -12.44 -31.39
N GLY H 29 5.99 -12.99 -31.07
CA GLY H 29 4.73 -12.61 -31.72
C GLY H 29 4.20 -11.22 -31.38
N ILE H 30 4.78 -10.57 -30.38
CA ILE H 30 4.46 -9.16 -30.07
C ILE H 30 5.23 -8.28 -31.02
N THR H 31 4.48 -7.62 -31.88
CA THR H 31 4.94 -7.15 -33.17
C THR H 31 5.59 -5.76 -33.09
N LYS H 32 6.49 -5.44 -34.02
CA LYS H 32 7.12 -4.10 -34.03
C LYS H 32 6.09 -2.99 -34.19
N PRO H 33 5.26 -3.05 -35.25
CA PRO H 33 4.22 -2.02 -35.41
C PRO H 33 3.37 -1.86 -34.15
N ALA H 34 3.09 -2.97 -33.46
CA ALA H 34 2.35 -2.91 -32.20
C ALA H 34 3.10 -2.01 -31.20
N ILE H 35 4.35 -2.32 -30.93
CA ILE H 35 5.15 -1.54 -30.00
C ILE H 35 5.21 -0.05 -30.42
N ARG H 36 5.45 0.23 -31.69
CA ARG H 36 5.42 1.61 -32.18
C ARG H 36 4.06 2.24 -31.89
N ARG H 37 3.01 1.43 -32.02
CA ARG H 37 1.65 1.91 -31.86
C ARG H 37 1.37 2.23 -30.40
N LEU H 38 1.89 1.38 -29.51
CA LEU H 38 1.91 1.65 -28.06
C LEU H 38 2.73 2.91 -27.72
N ALA H 39 3.88 3.06 -28.36
CA ALA H 39 4.75 4.21 -28.17
C ALA H 39 4.10 5.55 -28.57
N ARG H 40 3.63 5.65 -29.81
CA ARG H 40 2.98 6.87 -30.28
C ARG H 40 1.81 7.24 -29.35
N ARG H 41 1.06 6.23 -28.88
CA ARG H 41 0.04 6.48 -27.86
C ARG H 41 0.61 7.11 -26.57
N GLY H 42 1.85 6.78 -26.24
CA GLY H 42 2.54 7.40 -25.11
C GLY H 42 3.34 8.62 -25.49
N GLY H 43 3.15 9.11 -26.73
CA GLY H 43 3.73 10.37 -27.18
C GLY H 43 5.16 10.30 -27.71
N VAL H 44 5.67 9.11 -27.97
CA VAL H 44 7.03 8.94 -28.43
C VAL H 44 7.12 9.30 -29.92
N LYS H 45 7.92 10.32 -30.26
CA LYS H 45 8.09 10.72 -31.66
C LYS H 45 8.93 9.69 -32.42
N ARG H 46 10.06 9.28 -31.86
CA ARG H 46 10.82 8.19 -32.48
C ARG H 46 11.53 7.21 -31.50
N ILE H 47 11.98 6.08 -32.03
CA ILE H 47 12.35 4.93 -31.21
C ILE H 47 13.71 4.38 -31.64
N SER H 48 14.68 4.40 -30.73
CA SER H 48 15.96 3.72 -30.97
C SER H 48 15.70 2.23 -31.11
N GLY H 49 16.48 1.56 -31.94
CA GLY H 49 16.23 0.16 -32.31
C GLY H 49 16.18 -0.87 -31.18
N LEU H 50 16.87 -0.57 -30.07
CA LEU H 50 17.01 -1.52 -28.96
C LEU H 50 15.80 -1.59 -28.03
N ILE H 51 14.83 -0.70 -28.27
CA ILE H 51 13.66 -0.58 -27.41
C ILE H 51 12.69 -1.75 -27.55
N TYR H 52 12.57 -2.28 -28.77
CA TYR H 52 11.64 -3.39 -29.03
C TYR H 52 11.88 -4.64 -28.19
N GLU H 53 13.11 -5.12 -28.13
CA GLU H 53 13.42 -6.29 -27.31
C GLU H 53 13.21 -5.99 -25.83
N GLU H 54 13.56 -4.76 -25.45
CA GLU H 54 13.40 -4.27 -24.09
C GLU H 54 11.93 -4.23 -23.73
N VAL H 55 11.11 -3.66 -24.60
CA VAL H 55 9.67 -3.68 -24.39
C VAL H 55 9.17 -5.12 -24.33
N ARG H 56 9.75 -6.02 -25.12
CA ARG H 56 9.34 -7.43 -25.06
C ARG H 56 9.64 -8.11 -23.72
N ASN H 57 10.79 -7.77 -23.12
CA ASN H 57 11.15 -8.30 -21.80
C ASN H 57 10.26 -7.80 -20.66
N VAL H 58 9.95 -6.51 -20.67
CA VAL H 58 9.11 -5.92 -19.64
C VAL H 58 7.72 -6.57 -19.60
N LEU H 59 7.16 -6.87 -20.77
CA LEU H 59 5.84 -7.45 -20.85
C LEU H 59 5.84 -8.89 -20.39
N LYS H 60 6.83 -9.65 -20.85
CA LYS H 60 7.01 -11.03 -20.48
C LYS H 60 7.13 -11.07 -18.98
N THR H 61 8.00 -10.23 -18.42
CA THR H 61 8.17 -10.18 -16.97
C THR H 61 6.86 -9.85 -16.29
N PHE H 62 6.15 -8.88 -16.84
CA PHE H 62 4.91 -8.37 -16.25
C PHE H 62 3.81 -9.43 -16.34
N LEU H 63 3.61 -10.04 -17.50
CA LEU H 63 2.50 -10.96 -17.56
C LEU H 63 2.76 -12.33 -16.93
N GLU H 64 4.03 -12.53 -16.56
CA GLU H 64 4.44 -13.58 -15.64
C GLU H 64 4.05 -13.38 -14.17
N SER H 65 4.19 -12.17 -13.59
CA SER H 65 3.68 -11.96 -12.20
C SER H 65 2.21 -12.12 -12.13
N VAL H 66 1.52 -11.40 -13.02
CA VAL H 66 0.08 -11.32 -13.02
C VAL H 66 -0.55 -12.69 -13.29
N ILE H 67 -0.10 -13.38 -14.32
CA ILE H 67 -0.67 -14.69 -14.67
C ILE H 67 -0.37 -15.71 -13.60
N ARG H 68 0.81 -15.63 -12.99
CA ARG H 68 1.13 -16.47 -11.83
C ARG H 68 0.10 -16.28 -10.72
N ASP H 69 -0.23 -15.02 -10.42
CA ASP H 69 -1.18 -14.75 -9.36
C ASP H 69 -2.62 -15.11 -9.71
N ALA H 70 -3.03 -14.82 -10.94
CA ALA H 70 -4.39 -15.11 -11.41
C ALA H 70 -4.69 -16.58 -11.31
N VAL H 71 -3.72 -17.38 -11.68
CA VAL H 71 -3.83 -18.82 -11.73
C VAL H 71 -3.93 -19.36 -10.29
N THR H 72 -3.21 -18.74 -9.35
CA THR H 72 -3.30 -19.12 -7.94
C THR H 72 -4.71 -18.86 -7.38
N TYR H 73 -5.31 -17.73 -7.76
CA TYR H 73 -6.69 -17.46 -7.34
C TYR H 73 -7.69 -18.50 -7.92
N THR H 74 -7.53 -18.84 -9.19
CA THR H 74 -8.42 -19.81 -9.85
C THR H 74 -8.35 -21.17 -9.15
N GLU H 75 -7.17 -21.57 -8.71
CA GLU H 75 -7.03 -22.86 -8.04
C GLU H 75 -7.51 -22.82 -6.59
N HIS H 76 -7.24 -21.72 -5.89
CA HIS H 76 -7.72 -21.60 -4.51
C HIS H 76 -9.23 -21.69 -4.49
N ALA H 77 -9.87 -21.11 -5.51
CA ALA H 77 -11.32 -21.20 -5.67
C ALA H 77 -11.79 -22.54 -6.26
N LYS H 78 -10.90 -23.53 -6.27
CA LYS H 78 -11.12 -24.82 -6.95
C LYS H 78 -11.86 -24.70 -8.31
N ARG H 79 -11.38 -23.80 -9.17
CA ARG H 79 -11.98 -23.56 -10.50
C ARG H 79 -11.07 -23.92 -11.68
N LYS H 80 -11.63 -23.93 -12.88
CA LYS H 80 -10.90 -24.35 -14.09
C LYS H 80 -10.94 -23.33 -15.22
N THR H 81 -11.56 -22.20 -14.94
CA THR H 81 -11.61 -21.08 -15.86
C THR H 81 -10.99 -19.91 -15.13
N VAL H 82 -10.12 -19.17 -15.81
CA VAL H 82 -9.66 -17.91 -15.24
C VAL H 82 -10.74 -16.84 -15.46
N THR H 83 -11.20 -16.24 -14.37
CA THR H 83 -12.28 -15.23 -14.44
C THR H 83 -11.72 -13.84 -14.30
N SER H 84 -12.53 -12.85 -14.67
CA SER H 84 -12.09 -11.46 -14.60
C SER H 84 -11.78 -11.00 -13.17
N LEU H 85 -12.45 -11.58 -12.19
CA LEU H 85 -12.15 -11.30 -10.78
C LEU H 85 -10.77 -11.83 -10.36
N ASP H 86 -10.33 -12.92 -11.01
CA ASP H 86 -8.97 -13.42 -10.83
C ASP H 86 -7.98 -12.43 -11.38
N VAL H 87 -8.30 -11.82 -12.52
CA VAL H 87 -7.35 -10.92 -13.16
C VAL H 87 -7.28 -9.62 -12.37
N VAL H 88 -8.43 -9.15 -11.90
CA VAL H 88 -8.48 -7.95 -11.10
C VAL H 88 -7.60 -8.18 -9.88
N TYR H 89 -7.88 -9.22 -9.10
CA TYR H 89 -7.11 -9.56 -7.89
C TYR H 89 -5.61 -9.77 -8.10
N ALA H 90 -5.24 -10.29 -9.27
CA ALA H 90 -3.84 -10.56 -9.57
C ALA H 90 -3.15 -9.25 -9.74
N LEU H 91 -3.73 -8.40 -10.60
CA LEU H 91 -3.23 -7.05 -10.87
C LEU H 91 -3.02 -6.18 -9.61
N LYS H 92 -3.99 -6.19 -8.71
CA LYS H 92 -3.92 -5.34 -7.55
C LYS H 92 -3.01 -5.87 -6.45
N ARG H 93 -2.46 -7.08 -6.63
CA ARG H 93 -1.68 -7.73 -5.58
C ARG H 93 -0.37 -7.01 -5.32
N GLN H 94 -0.05 -6.85 -4.04
CA GLN H 94 1.19 -6.24 -3.55
C GLN H 94 2.45 -6.89 -4.14
N GLY H 95 3.55 -6.14 -4.10
CA GLY H 95 4.84 -6.66 -4.55
C GLY H 95 4.97 -6.61 -6.06
N ARG H 96 4.55 -5.49 -6.63
CA ARG H 96 4.65 -5.23 -8.07
C ARG H 96 4.33 -3.76 -8.34
N THR H 97 5.10 -3.12 -9.22
CA THR H 97 4.89 -1.72 -9.61
C THR H 97 3.92 -1.64 -10.80
N LEU H 98 2.85 -0.88 -10.64
CA LEU H 98 1.89 -0.63 -11.72
C LEU H 98 2.13 0.67 -12.46
N TYR H 99 2.49 1.70 -11.70
CA TYR H 99 2.70 3.07 -12.19
C TYR H 99 3.97 3.65 -11.60
N GLY H 100 4.10 3.62 -10.27
CA GLY H 100 5.26 4.19 -9.58
C GLY H 100 5.27 3.94 -8.09
N PHE H 101 5.88 4.86 -7.34
CA PHE H 101 5.91 4.78 -5.85
C PHE H 101 4.57 4.49 -5.15
N GLY H 102 3.48 5.04 -5.69
CA GLY H 102 2.14 4.76 -5.16
C GLY H 102 1.73 3.29 -5.23
N GLY H 103 2.15 2.61 -6.30
CA GLY H 103 1.81 1.22 -6.55
C GLY H 103 2.03 0.73 -7.97
#